data_3L9K
#
_entry.id   3L9K
#
_cell.length_a   107.180
_cell.length_b   107.180
_cell.length_c   65.410
_cell.angle_alpha   90.00
_cell.angle_beta   90.00
_cell.angle_gamma   120.00
#
_symmetry.space_group_name_H-M   'P 32'
#
loop_
_entity.id
_entity.type
_entity.pdbx_description
1 polymer RE64145p
2 polymer 'Dynein intermediate chain, cytosolic'
#
loop_
_entity_poly.entity_id
_entity_poly.type
_entity_poly.pdbx_seq_one_letter_code
_entity_poly.pdbx_strand_id
1 'polypeptide(L)'
;MSQEVEETLKRIQSHKGVVGTIVVNNEGIPVKSTLDNTTTVQYAGLMSQLADKARSVVRDLDPSNDMTFLRVRSKKHEIM
VAPDKDFILIVIQNPTD
;
A,B,C,D
2 'polypeptide(L)' LSEEQKQMIILSENFQRFVVRAGRVIERALSENVDIYT W,X,Y,Z
#
# COMPACT_ATOMS: atom_id res chain seq x y z
CA GLN A 3 -0.50 10.11 24.31
C GLN A 3 -1.69 9.72 23.46
N GLU A 4 -1.89 10.47 22.39
CA GLU A 4 -3.13 10.41 21.60
C GLU A 4 -3.57 9.06 21.06
N VAL A 5 -2.65 8.12 20.89
CA VAL A 5 -2.96 6.77 20.35
C VAL A 5 -3.78 5.84 21.26
N GLU A 6 -3.35 5.79 22.52
CA GLU A 6 -3.92 4.93 23.54
C GLU A 6 -5.20 5.61 24.01
N GLU A 7 -5.16 6.95 24.08
CA GLU A 7 -6.28 7.79 24.49
C GLU A 7 -7.33 8.00 23.39
N THR A 8 -7.04 7.53 22.18
CA THR A 8 -7.97 7.55 21.03
C THR A 8 -8.52 6.17 20.79
N LEU A 9 -7.63 5.19 20.71
CA LEU A 9 -8.06 3.82 20.58
C LEU A 9 -9.04 3.39 21.67
N LYS A 10 -9.04 4.13 22.77
CA LYS A 10 -9.87 3.78 23.87
C LYS A 10 -11.09 4.64 23.77
N ARG A 11 -10.94 5.86 23.25
CA ARG A 11 -12.07 6.76 23.09
C ARG A 11 -13.11 6.17 22.15
N ILE A 12 -12.66 5.27 21.28
CA ILE A 12 -13.53 4.61 20.34
C ILE A 12 -14.19 3.46 21.05
N GLN A 13 -13.37 2.66 21.73
CA GLN A 13 -13.87 1.49 22.41
C GLN A 13 -15.00 1.79 23.37
N SER A 14 -15.18 3.06 23.73
CA SER A 14 -16.20 3.37 24.69
C SER A 14 -17.25 4.22 24.09
N HIS A 15 -17.27 4.33 22.77
CA HIS A 15 -18.34 5.06 22.17
C HIS A 15 -19.56 4.21 22.50
N LYS A 16 -20.66 4.88 22.82
CA LYS A 16 -21.98 4.24 22.84
C LYS A 16 -22.07 3.15 21.75
N GLY A 17 -22.25 1.87 22.10
CA GLY A 17 -22.59 0.84 21.15
C GLY A 17 -21.41 0.11 20.55
N VAL A 18 -20.23 0.35 21.03
CA VAL A 18 -19.12 -0.27 20.37
C VAL A 18 -18.86 -1.55 21.07
N VAL A 19 -18.54 -2.56 20.31
CA VAL A 19 -18.40 -3.85 20.85
C VAL A 19 -16.97 -4.28 20.82
N GLY A 20 -16.32 -4.09 19.71
CA GLY A 20 -14.94 -4.49 19.62
C GLY A 20 -14.15 -3.58 18.76
N THR A 21 -12.85 -3.70 18.81
CA THR A 21 -11.99 -2.82 18.01
C THR A 21 -10.70 -3.57 17.74
N ILE A 22 -10.21 -3.50 16.53
CA ILE A 22 -9.02 -4.24 16.18
C ILE A 22 -8.21 -3.45 15.17
N VAL A 23 -6.90 -3.60 15.23
CA VAL A 23 -6.02 -2.98 14.23
C VAL A 23 -5.19 -4.07 13.55
N VAL A 24 -5.04 -3.97 12.25
CA VAL A 24 -4.34 -4.95 11.51
C VAL A 24 -3.41 -4.24 10.59
N ASN A 25 -2.63 -5.00 9.85
CA ASN A 25 -1.76 -4.42 8.84
C ASN A 25 -1.96 -5.11 7.53
N ASN A 26 -1.37 -4.49 6.52
CA ASN A 26 -1.47 -4.97 5.17
C ASN A 26 -1.50 -6.47 5.14
N GLU A 27 -0.80 -7.12 6.05
CA GLU A 27 -0.68 -8.56 5.96
C GLU A 27 -1.88 -9.24 6.53
N GLY A 28 -2.59 -8.53 7.37
CA GLY A 28 -3.69 -9.14 8.06
C GLY A 28 -3.29 -9.70 9.40
N ILE A 29 -2.40 -8.99 10.05
CA ILE A 29 -1.87 -9.44 11.33
C ILE A 29 -2.30 -8.46 12.38
N PRO A 30 -2.99 -8.96 13.39
CA PRO A 30 -3.63 -8.13 14.39
C PRO A 30 -2.59 -7.45 15.18
N VAL A 31 -2.77 -6.18 15.46
CA VAL A 31 -1.81 -5.50 16.27
C VAL A 31 -2.33 -5.36 17.66
N LYS A 32 -3.09 -4.33 17.93
CA LYS A 32 -3.83 -4.23 19.18
C LYS A 32 -5.27 -4.59 18.94
N SER A 33 -5.97 -5.13 19.92
CA SER A 33 -7.33 -5.58 19.67
C SER A 33 -8.11 -5.88 20.90
N THR A 34 -9.33 -5.39 21.01
CA THR A 34 -10.07 -5.54 22.27
C THR A 34 -10.85 -6.85 22.39
N LEU A 35 -10.47 -7.89 21.65
CA LEU A 35 -11.22 -9.14 21.66
C LEU A 35 -10.40 -10.37 21.95
N ASP A 36 -11.06 -11.44 22.40
CA ASP A 36 -10.35 -12.69 22.62
C ASP A 36 -9.67 -13.14 21.34
N ASN A 37 -8.43 -13.58 21.50
CA ASN A 37 -7.49 -13.57 20.40
C ASN A 37 -7.89 -14.52 19.30
N THR A 38 -8.50 -15.63 19.69
CA THR A 38 -8.93 -16.66 18.76
C THR A 38 -10.01 -16.09 17.80
N THR A 39 -10.84 -15.22 18.35
CA THR A 39 -11.85 -14.46 17.61
C THR A 39 -11.20 -13.37 16.76
N THR A 40 -10.48 -12.48 17.42
CA THR A 40 -9.71 -11.45 16.76
C THR A 40 -8.99 -12.02 15.54
N VAL A 41 -8.69 -13.31 15.51
CA VAL A 41 -8.13 -13.86 14.27
C VAL A 41 -9.14 -13.83 13.10
N GLN A 42 -10.31 -14.44 13.31
CA GLN A 42 -11.46 -14.43 12.37
C GLN A 42 -11.58 -13.13 11.62
N TYR A 43 -11.89 -12.08 12.38
CA TYR A 43 -12.20 -10.81 11.81
C TYR A 43 -11.10 -10.28 10.95
N ALA A 44 -9.90 -10.20 11.48
CA ALA A 44 -8.72 -9.79 10.70
C ALA A 44 -8.65 -10.47 9.32
N GLY A 45 -8.67 -11.81 9.30
CA GLY A 45 -8.61 -12.59 8.05
C GLY A 45 -9.65 -12.17 7.06
N LEU A 46 -10.91 -12.27 7.49
CA LEU A 46 -12.03 -12.00 6.62
C LEU A 46 -12.10 -10.55 6.18
N MET A 47 -12.07 -9.63 7.14
CA MET A 47 -12.21 -8.22 6.87
C MET A 47 -11.14 -7.72 5.94
N SER A 48 -9.93 -8.20 6.14
CA SER A 48 -8.83 -7.84 5.29
C SER A 48 -9.15 -8.26 3.86
N GLN A 49 -9.62 -9.50 3.70
CA GLN A 49 -10.05 -9.97 2.38
C GLN A 49 -11.11 -9.04 1.81
N LEU A 50 -12.19 -8.84 2.57
CA LEU A 50 -13.25 -7.93 2.18
C LEU A 50 -12.73 -6.57 1.73
N ALA A 51 -11.90 -5.95 2.55
CA ALA A 51 -11.30 -4.65 2.22
C ALA A 51 -10.50 -4.68 0.93
N ASP A 52 -9.77 -5.78 0.69
CA ASP A 52 -9.06 -5.92 -0.57
C ASP A 52 -10.04 -5.88 -1.74
N LYS A 53 -10.94 -6.87 -1.79
CA LYS A 53 -11.88 -6.97 -2.88
C LYS A 53 -12.47 -5.61 -3.17
N ALA A 54 -13.06 -5.01 -2.12
CA ALA A 54 -13.74 -3.71 -2.19
C ALA A 54 -12.83 -2.64 -2.82
N ARG A 55 -11.72 -2.36 -2.16
CA ARG A 55 -10.71 -1.46 -2.70
C ARG A 55 -10.38 -1.72 -4.14
N SER A 56 -10.42 -3.01 -4.51
CA SER A 56 -10.12 -3.45 -5.88
C SER A 56 -11.28 -3.17 -6.77
N VAL A 57 -12.48 -3.56 -6.36
CA VAL A 57 -13.68 -3.15 -7.04
C VAL A 57 -13.64 -1.66 -7.30
N VAL A 58 -13.36 -0.84 -6.29
CA VAL A 58 -13.38 0.63 -6.43
C VAL A 58 -12.41 1.08 -7.49
N ARG A 59 -11.26 0.40 -7.48
CA ARG A 59 -10.17 0.60 -8.42
C ARG A 59 -10.52 0.24 -9.88
N ASP A 60 -11.42 -0.73 -10.08
CA ASP A 60 -11.75 -1.18 -11.42
C ASP A 60 -12.86 -0.36 -11.98
N LEU A 61 -13.74 0.13 -11.11
CA LEU A 61 -14.73 1.08 -11.57
C LEU A 61 -14.03 2.35 -11.96
N ASP A 62 -12.86 2.60 -11.38
CA ASP A 62 -12.09 3.79 -11.71
C ASP A 62 -10.70 3.69 -11.09
N PRO A 63 -9.67 3.73 -11.93
CA PRO A 63 -8.29 3.65 -11.46
C PRO A 63 -7.80 4.88 -10.74
N SER A 64 -8.43 6.03 -10.97
CA SER A 64 -8.01 7.27 -10.29
C SER A 64 -8.70 7.50 -8.95
N ASN A 65 -9.23 6.42 -8.40
CA ASN A 65 -10.03 6.43 -7.19
C ASN A 65 -9.57 5.40 -6.23
N ASP A 66 -9.63 5.71 -4.95
CA ASP A 66 -9.27 4.76 -3.91
C ASP A 66 -10.26 4.79 -2.78
N MET A 67 -10.62 3.61 -2.30
CA MET A 67 -11.63 3.55 -1.29
C MET A 67 -11.13 4.08 -0.03
N THR A 68 -11.98 4.76 0.71
CA THR A 68 -11.52 5.39 1.91
C THR A 68 -12.09 4.74 3.11
N PHE A 69 -13.23 4.09 2.97
CA PHE A 69 -14.00 3.64 4.17
C PHE A 69 -15.09 2.60 3.79
N LEU A 70 -15.19 1.52 4.51
CA LEU A 70 -16.19 0.55 4.12
C LEU A 70 -17.04 0.10 5.32
N ARG A 71 -18.35 -0.18 5.16
CA ARG A 71 -19.08 -0.69 6.32
C ARG A 71 -20.23 -1.56 6.01
N VAL A 72 -20.26 -2.76 6.60
CA VAL A 72 -21.31 -3.72 6.28
C VAL A 72 -22.18 -3.88 7.48
N ARG A 73 -23.47 -3.74 7.24
CA ARG A 73 -24.46 -3.78 8.30
C ARG A 73 -25.19 -5.11 8.31
N SER A 74 -25.26 -5.73 9.45
CA SER A 74 -25.94 -6.96 9.57
C SER A 74 -27.20 -6.72 10.31
N LYS A 75 -27.83 -7.78 10.72
CA LYS A 75 -29.01 -7.66 11.53
C LYS A 75 -28.57 -7.37 12.92
N LYS A 76 -27.47 -7.95 13.29
CA LYS A 76 -26.97 -7.83 14.64
C LYS A 76 -26.14 -6.61 14.90
N HIS A 77 -25.43 -6.14 13.90
CA HIS A 77 -24.52 -5.07 14.14
C HIS A 77 -23.89 -4.56 12.89
N GLU A 78 -23.07 -3.54 13.02
CA GLU A 78 -22.38 -3.00 11.88
C GLU A 78 -20.90 -3.15 12.08
N ILE A 79 -20.23 -3.59 11.04
CA ILE A 79 -18.78 -3.59 11.07
C ILE A 79 -18.30 -2.42 10.23
N MET A 80 -17.35 -1.63 10.73
CA MET A 80 -16.66 -0.73 9.77
C MET A 80 -15.21 -0.98 9.72
N VAL A 81 -14.59 -0.45 8.70
CA VAL A 81 -13.23 -0.80 8.37
C VAL A 81 -12.67 0.42 7.62
N ALA A 82 -11.78 1.16 8.26
CA ALA A 82 -11.00 2.23 7.60
C ALA A 82 -9.58 1.73 7.26
N PRO A 83 -9.31 1.47 5.97
CA PRO A 83 -8.08 0.88 5.46
C PRO A 83 -7.16 1.96 4.95
N ASP A 84 -5.91 2.00 5.41
CA ASP A 84 -5.11 3.20 5.13
C ASP A 84 -3.68 2.90 4.75
N LYS A 85 -3.48 2.02 3.76
CA LYS A 85 -2.18 1.79 3.14
C LYS A 85 -1.41 0.57 3.66
N ASP A 86 -1.34 0.44 4.98
CA ASP A 86 -0.51 -0.54 5.66
C ASP A 86 -1.21 -1.04 6.91
N PHE A 87 -2.14 -0.25 7.40
CA PHE A 87 -2.96 -0.60 8.54
C PHE A 87 -4.42 -0.45 8.24
N ILE A 88 -5.24 -1.25 8.92
CA ILE A 88 -6.67 -1.09 8.81
C ILE A 88 -7.34 -1.28 10.15
N LEU A 89 -8.24 -0.37 10.47
CA LEU A 89 -8.91 -0.34 11.74
C LEU A 89 -10.28 -0.96 11.61
N ILE A 90 -10.52 -2.11 12.23
CA ILE A 90 -11.89 -2.64 12.26
C ILE A 90 -12.66 -2.19 13.53
N VAL A 91 -13.90 -1.73 13.45
CA VAL A 91 -14.67 -1.57 14.69
C VAL A 91 -16.07 -2.21 14.54
N ILE A 92 -16.49 -3.09 15.44
CA ILE A 92 -17.84 -3.59 15.40
C ILE A 92 -18.62 -2.69 16.30
N GLN A 93 -19.78 -2.24 15.85
CA GLN A 93 -20.68 -1.45 16.65
C GLN A 93 -22.05 -2.03 16.66
N ASN A 94 -22.86 -1.68 17.64
CA ASN A 94 -24.25 -2.09 17.70
C ASN A 94 -25.23 -1.00 17.43
N PRO A 95 -25.72 -0.95 16.21
CA PRO A 95 -26.55 0.14 15.78
C PRO A 95 -27.76 0.43 16.64
N THR A 96 -28.56 1.39 16.22
CA THR A 96 -29.85 1.61 16.82
C THR A 96 -30.77 2.12 15.73
N ASP A 97 -31.04 1.27 14.75
CA ASP A 97 -31.90 1.64 13.64
CA GLN B 3 -47.65 3.36 -8.38
C GLN B 3 -46.31 3.47 -7.70
N GLU B 4 -46.25 2.99 -6.46
CA GLU B 4 -45.12 3.24 -5.55
C GLU B 4 -43.72 2.88 -6.05
N VAL B 5 -43.60 1.94 -6.99
CA VAL B 5 -42.29 1.50 -7.52
C VAL B 5 -41.53 2.53 -8.38
N GLU B 6 -42.27 3.12 -9.31
CA GLU B 6 -41.75 4.07 -10.28
C GLU B 6 -41.57 5.41 -9.55
N GLU B 7 -42.53 5.70 -8.66
CA GLU B 7 -42.55 6.91 -7.84
C GLU B 7 -41.60 6.86 -6.63
N THR B 8 -40.98 5.70 -6.39
CA THR B 8 -39.95 5.50 -5.35
C THR B 8 -38.57 5.43 -5.97
N LEU B 9 -38.44 4.59 -7.01
CA LEU B 9 -37.20 4.50 -7.75
C LEU B 9 -36.73 5.86 -8.28
N LYS B 10 -37.66 6.79 -8.37
CA LYS B 10 -37.36 8.06 -8.91
C LYS B 10 -37.12 8.98 -7.75
N ARG B 11 -37.83 8.75 -6.65
CA ARG B 11 -37.67 9.54 -5.42
C ARG B 11 -36.26 9.45 -4.83
N ILE B 12 -35.56 8.40 -5.26
CA ILE B 12 -34.19 8.16 -4.85
C ILE B 12 -33.31 8.88 -5.82
N GLN B 13 -33.56 8.66 -7.10
CA GLN B 13 -32.73 9.24 -8.12
C GLN B 13 -32.62 10.75 -8.00
N SER B 14 -33.50 11.37 -7.22
CA SER B 14 -33.46 12.80 -7.14
C SER B 14 -33.12 13.25 -5.79
N HIS B 15 -32.67 12.34 -4.94
CA HIS B 15 -32.25 12.77 -3.65
C HIS B 15 -31.04 13.64 -3.95
N LYS B 16 -30.93 14.76 -3.23
CA LYS B 16 -29.69 15.53 -3.19
C LYS B 16 -28.47 14.58 -3.29
N GLY B 17 -27.67 14.65 -4.34
CA GLY B 17 -26.37 13.99 -4.38
C GLY B 17 -26.34 12.65 -5.06
N VAL B 18 -27.45 12.27 -5.66
CA VAL B 18 -27.46 10.87 -6.12
C VAL B 18 -27.03 10.95 -7.53
N VAL B 19 -26.18 10.03 -7.94
CA VAL B 19 -25.62 10.14 -9.26
C VAL B 19 -26.28 9.10 -10.12
N GLY B 20 -26.38 7.87 -9.65
CA GLY B 20 -27.01 6.84 -10.47
C GLY B 20 -27.73 5.84 -9.58
N THR B 21 -28.47 4.95 -10.20
CA THR B 21 -29.27 3.98 -9.46
C THR B 21 -29.47 2.77 -10.36
N ILE B 22 -29.32 1.59 -9.82
CA ILE B 22 -29.45 0.40 -10.61
C ILE B 22 -30.10 -0.71 -9.80
N VAL B 23 -30.85 -1.56 -10.47
CA VAL B 23 -31.40 -2.74 -9.81
C VAL B 23 -30.93 -4.02 -10.52
N VAL B 24 -30.58 -5.05 -9.76
CA VAL B 24 -30.03 -6.25 -10.31
C VAL B 24 -30.75 -7.39 -9.64
N ASN B 25 -30.69 -8.58 -10.22
CA ASN B 25 -31.16 -9.75 -9.52
C ASN B 25 -29.99 -10.53 -8.97
N ASN B 26 -30.31 -11.51 -8.13
CA ASN B 26 -29.39 -12.54 -7.61
C ASN B 26 -28.26 -12.93 -8.57
N GLU B 27 -28.62 -13.14 -9.83
CA GLU B 27 -27.68 -13.64 -10.83
C GLU B 27 -26.85 -12.55 -11.44
N GLY B 28 -27.15 -11.31 -11.11
CA GLY B 28 -26.31 -10.19 -11.52
C GLY B 28 -26.67 -9.50 -12.83
N ILE B 29 -27.97 -9.48 -13.12
CA ILE B 29 -28.46 -8.94 -14.38
C ILE B 29 -29.30 -7.69 -14.13
N PRO B 30 -28.96 -6.57 -14.80
CA PRO B 30 -29.52 -5.25 -14.55
C PRO B 30 -30.98 -5.30 -14.92
N VAL B 31 -31.84 -4.75 -14.06
CA VAL B 31 -33.27 -4.68 -14.38
C VAL B 31 -33.73 -3.29 -14.86
N LYS B 32 -33.86 -2.33 -13.94
CA LYS B 32 -34.04 -0.92 -14.29
C LYS B 32 -32.75 -0.21 -13.88
N SER B 33 -32.40 0.89 -14.54
CA SER B 33 -31.09 1.49 -14.24
C SER B 33 -30.91 2.87 -14.85
N THR B 34 -30.44 3.85 -14.08
CA THR B 34 -30.39 5.19 -14.63
C THR B 34 -29.06 5.54 -15.31
N LEU B 35 -28.32 4.54 -15.78
CA LEU B 35 -27.01 4.82 -16.38
C LEU B 35 -26.78 4.22 -17.76
N ASP B 36 -25.88 4.81 -18.52
CA ASP B 36 -25.57 4.24 -19.83
C ASP B 36 -25.18 2.77 -19.69
N ASN B 37 -25.74 1.97 -20.59
CA ASN B 37 -25.88 0.54 -20.33
C ASN B 37 -24.56 -0.16 -20.22
N THR B 38 -23.59 0.31 -21.00
CA THR B 38 -22.26 -0.28 -21.04
C THR B 38 -21.58 -0.13 -19.65
N THR B 39 -21.86 1.01 -19.00
CA THR B 39 -21.42 1.29 -17.64
C THR B 39 -22.22 0.46 -16.65
N THR B 40 -23.53 0.62 -16.68
CA THR B 40 -24.45 -0.16 -15.87
C THR B 40 -24.04 -1.62 -15.84
N VAL B 41 -23.34 -2.10 -16.86
CA VAL B 41 -22.83 -3.46 -16.78
C VAL B 41 -21.76 -3.62 -15.69
N GLN B 42 -20.69 -2.81 -15.79
CA GLN B 42 -19.61 -2.72 -14.78
C GLN B 42 -20.09 -2.93 -13.37
N TYR B 43 -20.90 -1.98 -12.93
CA TYR B 43 -21.32 -1.92 -11.55
C TYR B 43 -22.02 -3.17 -11.12
N ALA B 44 -23.05 -3.57 -11.84
CA ALA B 44 -23.74 -4.82 -11.55
C ALA B 44 -22.78 -6.00 -11.29
N GLY B 45 -21.87 -6.27 -12.24
CA GLY B 45 -20.88 -7.36 -12.14
C GLY B 45 -20.12 -7.28 -10.84
N LEU B 46 -19.46 -6.15 -10.63
CA LEU B 46 -18.58 -5.96 -9.50
C LEU B 46 -19.30 -5.94 -8.19
N MET B 47 -20.31 -5.08 -8.11
CA MET B 47 -21.06 -4.93 -6.87
C MET B 47 -21.70 -6.22 -6.44
N SER B 48 -22.22 -6.97 -7.39
CA SER B 48 -22.82 -8.24 -7.07
C SER B 48 -21.76 -9.11 -6.41
N GLN B 49 -20.57 -9.17 -7.01
CA GLN B 49 -19.46 -9.93 -6.41
C GLN B 49 -19.18 -9.44 -5.00
N LEU B 50 -18.92 -8.15 -4.87
CA LEU B 50 -18.72 -7.54 -3.56
C LEU B 50 -19.78 -7.92 -2.54
N ALA B 51 -21.05 -7.78 -2.90
CA ALA B 51 -22.17 -8.17 -2.04
C ALA B 51 -22.13 -9.62 -1.63
N ASP B 52 -21.76 -10.49 -2.56
CA ASP B 52 -21.60 -11.91 -2.25
C ASP B 52 -20.55 -12.10 -1.16
N LYS B 53 -19.30 -11.74 -1.48
CA LYS B 53 -18.20 -11.91 -0.55
C LYS B 53 -18.63 -11.42 0.83
N ALA B 54 -19.06 -10.16 0.89
CA ALA B 54 -19.48 -9.51 2.12
C ALA B 54 -20.52 -10.33 2.88
N ARG B 55 -21.62 -10.60 2.25
CA ARG B 55 -22.66 -11.46 2.78
C ARG B 55 -22.11 -12.75 3.31
N SER B 56 -21.10 -13.25 2.65
CA SER B 56 -20.45 -14.50 2.99
C SER B 56 -19.55 -14.34 4.16
N VAL B 57 -18.71 -13.30 4.13
CA VAL B 57 -17.96 -12.89 5.30
C VAL B 57 -18.88 -12.83 6.50
N VAL B 58 -20.01 -12.13 6.38
CA VAL B 58 -20.93 -11.92 7.53
C VAL B 58 -21.41 -13.23 8.08
N ARG B 59 -21.68 -14.14 7.13
CA ARG B 59 -22.13 -15.50 7.38
C ARG B 59 -21.07 -16.38 8.09
N ASP B 60 -19.79 -16.11 7.86
CA ASP B 60 -18.73 -16.95 8.45
C ASP B 60 -18.35 -16.46 9.79
N LEU B 61 -18.48 -15.15 10.02
CA LEU B 61 -18.30 -14.61 11.34
C LEU B 61 -19.42 -15.10 12.20
N ASP B 62 -20.57 -15.41 11.59
CA ASP B 62 -21.72 -15.92 12.31
C ASP B 62 -22.74 -16.43 11.32
N PRO B 63 -23.11 -17.72 11.42
CA PRO B 63 -24.11 -18.32 10.55
C PRO B 63 -25.53 -17.88 10.83
N SER B 64 -25.82 -17.42 12.04
CA SER B 64 -27.18 -16.96 12.37
C SER B 64 -27.41 -15.49 12.03
N ASN B 65 -26.54 -14.93 11.19
CA ASN B 65 -26.55 -13.52 10.79
C ASN B 65 -26.71 -13.45 9.28
N ASP B 66 -27.45 -12.46 8.82
CA ASP B 66 -27.56 -12.19 7.39
C ASP B 66 -27.31 -10.68 7.20
N MET B 67 -26.40 -10.36 6.30
CA MET B 67 -26.08 -8.95 6.04
C MET B 67 -27.25 -8.18 5.48
N THR B 68 -27.44 -6.93 5.86
CA THR B 68 -28.63 -6.24 5.44
C THR B 68 -28.32 -5.13 4.48
N PHE B 69 -27.11 -4.59 4.56
CA PHE B 69 -26.78 -3.31 3.87
C PHE B 69 -25.26 -3.11 3.76
N LEU B 70 -24.75 -2.74 2.60
CA LEU B 70 -23.33 -2.50 2.55
C LEU B 70 -23.00 -1.14 1.94
N ARG B 71 -21.93 -0.46 2.33
CA ARG B 71 -21.59 0.78 1.59
C ARG B 71 -20.14 1.13 1.60
N VAL B 72 -19.57 1.32 0.41
CA VAL B 72 -18.15 1.61 0.30
C VAL B 72 -17.99 3.03 -0.14
N ARG B 73 -17.16 3.75 0.59
CA ARG B 73 -16.92 5.15 0.36
C ARG B 73 -15.60 5.39 -0.29
N SER B 74 -15.61 6.08 -1.40
CA SER B 74 -14.40 6.40 -2.14
C SER B 74 -14.04 7.82 -1.82
N LYS B 75 -12.93 8.28 -2.39
CA LYS B 75 -12.60 9.69 -2.31
C LYS B 75 -13.64 10.43 -3.13
N LYS B 76 -14.05 9.84 -4.25
CA LYS B 76 -15.00 10.48 -5.16
C LYS B 76 -16.50 10.44 -4.79
N HIS B 77 -16.92 9.38 -4.10
CA HIS B 77 -18.31 9.16 -3.86
C HIS B 77 -18.58 7.94 -2.97
N GLU B 78 -19.84 7.64 -2.72
CA GLU B 78 -20.17 6.48 -1.95
C GLU B 78 -21.08 5.61 -2.74
N ILE B 79 -20.81 4.33 -2.71
CA ILE B 79 -21.73 3.41 -3.33
C ILE B 79 -22.47 2.69 -2.21
N MET B 80 -23.80 2.57 -2.30
CA MET B 80 -24.45 1.61 -1.39
C MET B 80 -25.17 0.58 -2.10
N VAL B 81 -25.49 -0.47 -1.40
CA VAL B 81 -25.98 -1.69 -1.98
C VAL B 81 -26.86 -2.35 -0.92
N ALA B 82 -28.18 -2.34 -1.12
CA ALA B 82 -29.11 -3.13 -0.31
C ALA B 82 -29.53 -4.43 -1.02
N PRO B 83 -29.01 -5.57 -0.56
CA PRO B 83 -29.16 -6.90 -1.18
C PRO B 83 -30.26 -7.67 -0.48
N ASP B 84 -31.22 -8.19 -1.24
CA ASP B 84 -32.36 -8.89 -0.65
C ASP B 84 -32.89 -10.13 -1.39
N LYS B 85 -32.03 -11.13 -1.52
CA LYS B 85 -32.45 -12.47 -1.93
C LYS B 85 -32.37 -12.74 -3.43
N ASP B 86 -32.85 -11.80 -4.23
CA ASP B 86 -33.00 -12.03 -5.64
C ASP B 86 -32.72 -10.74 -6.35
N PHE B 87 -32.92 -9.67 -5.59
CA PHE B 87 -32.70 -8.33 -6.09
C PHE B 87 -31.75 -7.53 -5.22
N ILE B 88 -30.92 -6.73 -5.84
CA ILE B 88 -30.08 -5.82 -5.08
C ILE B 88 -30.08 -4.45 -5.72
N LEU B 89 -30.21 -3.45 -4.87
CA LEU B 89 -30.36 -2.10 -5.30
C LEU B 89 -29.04 -1.39 -5.14
N ILE B 90 -28.37 -1.01 -6.22
CA ILE B 90 -27.15 -0.18 -6.08
C ILE B 90 -27.48 1.31 -6.21
N VAL B 91 -26.89 2.18 -5.39
CA VAL B 91 -26.96 3.58 -5.74
C VAL B 91 -25.67 4.31 -5.43
N ILE B 92 -25.20 5.11 -6.38
CA ILE B 92 -24.02 5.89 -6.17
C ILE B 92 -24.52 7.22 -5.74
N GLN B 93 -23.90 7.77 -4.72
CA GLN B 93 -24.18 9.11 -4.22
C GLN B 93 -22.92 9.95 -4.08
N ASN B 94 -23.03 11.25 -4.14
CA ASN B 94 -21.90 12.13 -3.89
C ASN B 94 -21.92 12.78 -2.54
N PRO B 95 -21.26 12.20 -1.59
CA PRO B 95 -21.28 12.69 -0.23
C PRO B 95 -20.97 14.16 -0.03
N THR B 96 -20.91 14.55 1.21
CA THR B 96 -20.81 15.92 1.58
C THR B 96 -19.98 15.98 2.86
N ASP B 97 -18.92 15.20 2.92
CA ASP B 97 -18.07 15.14 4.09
CA GLN C 3 47.62 -3.87 8.25
C GLN C 3 46.29 -3.36 7.75
N GLU C 4 46.24 -3.07 6.46
CA GLU C 4 45.13 -2.31 5.87
C GLU C 4 43.72 -2.82 6.09
N VAL C 5 43.54 -4.11 6.36
CA VAL C 5 42.21 -4.72 6.57
C VAL C 5 41.48 -4.31 7.87
N GLU C 6 42.23 -4.36 8.96
CA GLU C 6 41.73 -4.10 10.29
C GLU C 6 41.63 -2.58 10.43
N GLU C 7 42.60 -1.89 9.85
CA GLU C 7 42.68 -0.43 9.83
C GLU C 7 41.73 0.25 8.83
N THR C 8 41.06 -0.56 7.99
CA THR C 8 40.05 -0.08 7.02
C THR C 8 38.67 -0.44 7.51
N LEU C 9 38.49 -1.69 7.90
CA LEU C 9 37.24 -2.13 8.48
C LEU C 9 36.83 -1.30 9.69
N LYS C 10 37.81 -0.63 10.28
CA LYS C 10 37.54 0.15 11.43
C LYS C 10 37.35 1.57 10.97
N ARG C 11 38.08 1.97 9.94
CA ARG C 11 37.96 3.31 9.35
C ARG C 11 36.55 3.63 8.85
N ILE C 12 35.80 2.55 8.62
CA ILE C 12 34.44 2.65 8.16
C ILE C 12 33.55 2.75 9.38
N GLN C 13 33.79 1.82 10.31
CA GLN C 13 32.94 1.76 11.48
C GLN C 13 32.92 3.08 12.24
N SER C 14 33.83 4.00 11.93
CA SER C 14 33.85 5.22 12.65
C SER C 14 33.54 6.36 11.78
N HIS C 15 33.08 6.10 10.57
CA HIS C 15 32.68 7.19 9.73
C HIS C 15 31.50 7.80 10.49
N LYS C 16 31.44 9.13 10.51
CA LYS C 16 30.22 9.85 10.91
C LYS C 16 28.95 9.07 10.50
N GLY C 17 28.13 8.61 11.44
CA GLY C 17 26.82 8.07 11.10
C GLY C 17 26.78 6.57 10.91
N VAL C 18 27.88 5.89 11.16
CA VAL C 18 27.80 4.46 10.80
C VAL C 18 27.32 3.76 12.03
N VAL C 19 26.34 2.88 11.86
CA VAL C 19 25.78 2.20 13.02
C VAL C 19 26.44 0.84 13.13
N GLY C 20 26.50 0.07 12.06
CA GLY C 20 27.10 -1.27 12.15
C GLY C 20 27.81 -1.65 10.85
N THR C 21 28.54 -2.76 10.88
CA THR C 21 29.30 -3.19 9.71
C THR C 21 29.44 -4.69 9.78
N ILE C 22 29.27 -5.36 8.66
CA ILE C 22 29.32 -6.80 8.64
C ILE C 22 29.93 -7.31 7.36
N VAL C 23 30.65 -8.42 7.44
CA VAL C 23 31.14 -9.06 6.22
C VAL C 23 30.59 -10.50 6.12
N VAL C 24 30.20 -10.90 4.94
CA VAL C 24 29.61 -12.19 4.75
C VAL C 24 30.27 -12.78 3.56
N ASN C 25 29.91 -14.00 3.24
CA ASN C 25 30.39 -14.60 2.01
C ASN C 25 29.25 -15.09 1.19
N ASN C 26 29.61 -15.48 -0.02
CA ASN C 26 28.67 -15.99 -0.98
C ASN C 26 27.58 -16.77 -0.30
N GLU C 27 27.93 -17.52 0.72
CA GLU C 27 26.96 -18.43 1.26
C GLU C 27 26.13 -17.82 2.34
N GLY C 28 26.52 -16.64 2.77
CA GLY C 28 25.74 -15.91 3.74
C GLY C 28 26.13 -16.16 5.17
N ILE C 29 27.42 -16.33 5.38
CA ILE C 29 27.93 -16.62 6.70
C ILE C 29 28.80 -15.49 7.13
N PRO C 30 28.45 -14.91 8.27
CA PRO C 30 29.07 -13.70 8.78
C PRO C 30 30.52 -14.01 8.99
N VAL C 31 31.41 -13.09 8.65
CA VAL C 31 32.82 -13.27 8.92
C VAL C 31 33.29 -12.40 10.12
N LYS C 32 33.59 -11.12 9.88
CA LYS C 32 33.80 -10.15 10.94
C LYS C 32 32.53 -9.30 11.00
N SER C 33 32.22 -8.71 12.16
CA SER C 33 30.93 -7.99 12.27
C SER C 33 30.81 -7.19 13.54
N THR C 34 30.37 -5.93 13.46
CA THR C 34 30.37 -5.12 14.66
C THR C 34 29.06 -5.16 15.43
N LEU C 35 28.27 -6.23 15.28
CA LEU C 35 26.96 -6.27 15.94
C LEU C 35 26.70 -7.52 16.75
N ASP C 36 25.79 -7.42 17.72
CA ASP C 36 25.44 -8.60 18.50
C ASP C 36 25.01 -9.73 17.57
N ASN C 37 25.51 -10.92 17.86
CA ASN C 37 25.60 -11.96 16.86
C ASN C 37 24.24 -12.42 16.38
N THR C 38 23.28 -12.41 17.30
CA THR C 38 21.92 -12.87 17.02
C THR C 38 21.28 -11.96 15.95
N THR C 39 21.61 -10.68 16.05
CA THR C 39 21.22 -9.65 15.08
C THR C 39 22.00 -9.81 13.78
N THR C 40 23.32 -9.73 13.87
CA THR C 40 24.21 -9.99 12.76
C THR C 40 23.74 -11.19 11.94
N VAL C 41 22.99 -12.12 12.54
CA VAL C 41 22.43 -13.18 11.71
C VAL C 41 21.37 -12.66 10.72
N GLN C 42 20.34 -11.99 11.26
CA GLN C 42 19.27 -11.32 10.50
C GLN C 42 19.78 -10.71 9.21
N TYR C 43 20.64 -9.72 9.36
CA TYR C 43 21.07 -8.93 8.25
C TYR C 43 21.71 -9.76 7.19
N ALA C 44 22.72 -10.53 7.55
CA ALA C 44 23.37 -11.45 6.61
C ALA C 44 22.37 -12.24 5.75
N GLY C 45 21.46 -12.96 6.40
CA GLY C 45 20.42 -13.75 5.71
C GLY C 45 19.66 -12.93 4.69
N LEU C 46 19.03 -11.85 5.16
CA LEU C 46 18.18 -11.05 4.32
C LEU C 46 18.93 -10.32 3.23
N MET C 47 19.99 -9.62 3.63
CA MET C 47 20.75 -8.81 2.69
C MET C 47 21.34 -9.65 1.60
N SER C 48 21.81 -10.83 1.97
CA SER C 48 22.35 -11.74 0.99
C SER C 48 21.27 -12.06 -0.02
N GLN C 49 20.08 -12.39 0.46
CA GLN C 49 18.95 -12.64 -0.44
C GLN C 49 18.73 -11.45 -1.35
N LEU C 50 18.52 -10.29 -0.74
CA LEU C 50 18.36 -9.05 -1.48
C LEU C 50 19.42 -8.83 -2.56
N ALA C 51 20.69 -8.98 -2.19
CA ALA C 51 21.79 -8.85 -3.13
C ALA C 51 21.68 -9.82 -4.28
N ASP C 52 21.26 -11.05 -3.99
CA ASP C 52 21.06 -12.05 -5.06
C ASP C 52 20.01 -11.55 -6.04
N LYS C 53 18.78 -11.37 -5.56
CA LYS C 53 17.69 -10.95 -6.43
C LYS C 53 18.16 -9.79 -7.30
N ALA C 54 18.64 -8.73 -6.65
CA ALA C 54 19.11 -7.53 -7.31
C ALA C 54 20.11 -7.83 -8.41
N ARG C 55 21.19 -8.48 -8.05
CA ARG C 55 22.21 -8.94 -8.96
C ARG C 55 21.63 -9.66 -10.12
N SER C 56 20.58 -10.40 -9.85
CA SER C 56 19.89 -11.24 -10.82
C SER C 56 19.00 -10.39 -11.69
N VAL C 57 18.22 -9.51 -11.08
CA VAL C 57 17.50 -8.51 -11.82
C VAL C 57 18.44 -7.84 -12.79
N VAL C 58 19.59 -7.38 -12.32
CA VAL C 58 20.52 -6.60 -13.17
C VAL C 58 20.95 -7.41 -14.35
N ARG C 59 21.18 -8.69 -14.07
CA ARG C 59 21.56 -9.70 -15.04
C ARG C 59 20.50 -9.99 -16.11
N ASP C 60 19.22 -9.83 -15.76
CA ASP C 60 18.14 -10.16 -16.69
C ASP C 60 17.80 -8.99 -17.52
N LEU C 61 17.98 -7.79 -16.96
CA LEU C 61 17.85 -6.59 -17.78
C LEU C 61 18.97 -6.58 -18.78
N ASP C 62 20.09 -7.23 -18.45
CA ASP C 62 21.23 -7.29 -19.35
C ASP C 62 22.23 -8.31 -18.84
N PRO C 63 22.53 -9.35 -19.64
CA PRO C 63 23.48 -10.37 -19.27
C PRO C 63 24.93 -9.91 -19.29
N SER C 64 25.26 -8.85 -20.03
CA SER C 64 26.63 -8.34 -20.06
C SER C 64 26.92 -7.32 -18.97
N ASN C 65 26.09 -7.30 -17.93
CA ASN C 65 26.13 -6.33 -16.82
C ASN C 65 26.27 -7.13 -15.53
N ASP C 66 27.02 -6.59 -14.59
CA ASP C 66 27.13 -7.17 -13.26
C ASP C 66 26.95 -6.01 -12.28
N MET C 67 26.04 -6.21 -11.32
CA MET C 67 25.76 -5.17 -10.34
C MET C 67 26.96 -4.88 -9.46
N THR C 68 27.19 -3.64 -9.08
CA THR C 68 28.40 -3.34 -8.35
C THR C 68 28.13 -2.95 -6.93
N PHE C 69 26.96 -2.40 -6.68
CA PHE C 69 26.68 -1.72 -5.41
C PHE C 69 25.17 -1.53 -5.19
N LEU C 70 24.66 -1.85 -4.03
CA LEU C 70 23.23 -1.65 -3.84
C LEU C 70 22.94 -0.84 -2.55
N ARG C 71 21.92 0.00 -2.49
CA ARG C 71 21.62 0.61 -1.19
C ARG C 71 20.18 0.98 -0.96
N VAL C 72 19.60 0.51 0.14
CA VAL C 72 18.19 0.75 0.40
C VAL C 72 18.09 1.68 1.56
N ARG C 73 17.29 2.71 1.38
CA ARG C 73 17.13 3.77 2.35
C ARG C 73 15.80 3.65 3.02
N SER C 74 15.80 3.61 4.34
CA SER C 74 14.60 3.50 5.13
C SER C 74 14.30 4.88 5.66
N LYS C 75 13.21 4.99 6.40
CA LYS C 75 12.94 6.21 7.12
C LYS C 75 14.00 6.31 8.21
N LYS C 76 14.38 5.18 8.80
CA LYS C 76 15.34 5.19 9.91
C LYS C 76 16.83 5.31 9.56
N HIS C 77 17.22 4.81 8.40
CA HIS C 77 18.62 4.68 8.06
C HIS C 77 18.86 4.13 6.64
N GLU C 78 20.12 4.00 6.27
CA GLU C 78 20.42 3.45 4.97
C GLU C 78 21.27 2.24 5.14
N ILE C 79 20.96 1.20 4.37
CA ILE C 79 21.81 0.03 4.38
C ILE C 79 22.54 0.04 3.05
N MET C 80 23.85 -0.18 3.05
CA MET C 80 24.47 -0.47 1.73
C MET C 80 25.15 -1.76 1.76
N VAL C 81 25.46 -2.24 0.59
CA VAL C 81 25.88 -3.62 0.38
C VAL C 81 26.74 -3.63 -0.88
N ALA C 82 28.06 -3.78 -0.72
CA ALA C 82 28.95 -3.99 -1.88
C ALA C 82 29.28 -5.48 -2.03
N PRO C 83 28.63 -6.13 -3.00
CA PRO C 83 28.79 -7.55 -3.23
C PRO C 83 29.90 -7.78 -4.23
N ASP C 84 30.82 -8.69 -3.93
CA ASP C 84 31.99 -8.82 -4.78
C ASP C 84 32.46 -10.23 -5.06
N LYS C 85 31.51 -11.14 -5.22
CA LYS C 85 31.81 -12.49 -5.68
C LYS C 85 31.64 -13.58 -4.62
N ASP C 86 32.24 -13.39 -3.45
CA ASP C 86 32.30 -14.43 -2.45
C ASP C 86 32.20 -13.79 -1.11
N PHE C 87 32.38 -12.48 -1.12
CA PHE C 87 32.25 -11.68 0.07
C PHE C 87 31.35 -10.51 -0.24
N ILE C 88 30.54 -10.14 0.72
CA ILE C 88 29.75 -8.93 0.60
C ILE C 88 29.78 -8.14 1.89
N LEU C 89 30.00 -6.85 1.74
CA LEU C 89 30.17 -5.97 2.85
C LEU C 89 28.88 -5.23 3.12
N ILE C 90 28.20 -5.51 4.24
CA ILE C 90 27.04 -4.69 4.62
C ILE C 90 27.44 -3.53 5.53
N VAL C 91 26.89 -2.33 5.35
CA VAL C 91 27.00 -1.36 6.43
C VAL C 91 25.73 -0.53 6.62
N ILE C 92 25.29 -0.39 7.85
CA ILE C 92 24.16 0.42 8.10
C ILE C 92 24.70 1.76 8.47
N GLN C 93 24.18 2.81 7.88
CA GLN C 93 24.54 4.15 8.23
C GLN C 93 23.32 4.99 8.58
N ASN C 94 23.50 6.06 9.33
CA ASN C 94 22.43 6.97 9.67
C ASN C 94 22.43 8.29 8.94
N PRO C 95 21.75 8.35 7.84
CA PRO C 95 21.77 9.51 6.97
C PRO C 95 21.43 10.84 7.62
N THR C 96 21.56 11.90 6.82
CA THR C 96 21.53 13.29 7.22
C THR C 96 20.65 14.15 6.20
N ASP C 97 19.61 13.58 5.56
CA ASP C 97 18.76 14.33 4.57
CA GLN D 3 1.20 21.87 -14.54
C GLN D 3 2.35 21.03 -14.07
N GLU D 4 2.59 21.05 -12.76
CA GLU D 4 3.80 20.50 -12.15
C GLU D 4 4.19 19.07 -12.48
N VAL D 5 3.23 18.23 -12.85
CA VAL D 5 3.48 16.79 -13.16
C VAL D 5 4.27 16.51 -14.46
N GLU D 6 3.85 17.19 -15.52
CA GLU D 6 4.39 17.01 -16.84
C GLU D 6 5.72 17.79 -16.88
N GLU D 7 5.72 18.94 -16.20
CA GLU D 7 6.88 19.82 -16.07
C GLU D 7 7.93 19.34 -15.07
N THR D 8 7.62 18.27 -14.32
CA THR D 8 8.54 17.62 -13.35
C THR D 8 9.03 16.32 -13.92
N LEU D 9 8.10 15.51 -14.41
CA LEU D 9 8.46 14.27 -15.06
C LEU D 9 9.43 14.47 -16.22
N LYS D 10 9.47 15.70 -16.72
CA LYS D 10 10.32 16.01 -17.83
C LYS D 10 11.57 16.61 -17.28
N ARG D 11 11.45 17.35 -16.18
CA ARG D 11 12.60 17.95 -15.51
C ARG D 11 13.62 16.90 -15.03
N ILE D 12 13.14 15.66 -14.93
CA ILE D 12 13.97 14.57 -14.51
C ILE D 12 14.60 13.99 -15.74
N GLN D 13 13.76 13.75 -16.74
CA GLN D 13 14.22 13.10 -17.96
C GLN D 13 15.37 13.87 -18.61
N SER D 14 15.60 15.10 -18.20
CA SER D 14 16.66 15.86 -18.84
C SER D 14 17.72 16.16 -17.89
N HIS D 15 17.71 15.56 -16.71
CA HIS D 15 18.80 15.79 -15.83
C HIS D 15 19.98 15.23 -16.61
N LYS D 16 21.12 15.92 -16.52
CA LYS D 16 22.42 15.33 -16.91
C LYS D 16 22.45 13.82 -16.60
N GLY D 17 22.56 12.96 -17.62
CA GLY D 17 22.85 11.53 -17.40
C GLY D 17 21.63 10.63 -17.29
N VAL D 18 20.46 11.17 -17.54
CA VAL D 18 19.31 10.30 -17.28
C VAL D 18 19.04 9.61 -18.56
N VAL D 19 18.73 8.33 -18.48
CA VAL D 19 18.57 7.59 -19.72
C VAL D 19 17.10 7.32 -19.93
N GLY D 20 16.40 6.86 -18.92
CA GLY D 20 14.97 6.62 -19.09
C GLY D 20 14.23 6.91 -17.78
N THR D 21 12.91 6.86 -17.84
CA THR D 21 12.09 7.18 -16.68
C THR D 21 10.78 6.45 -16.86
N ILE D 22 10.28 5.85 -15.80
CA ILE D 22 9.05 5.10 -15.89
C ILE D 22 8.24 5.26 -14.63
N VAL D 23 6.93 5.21 -14.75
CA VAL D 23 6.07 5.19 -13.56
C VAL D 23 5.18 3.93 -13.59
N VAL D 24 5.02 3.30 -12.43
CA VAL D 24 4.28 2.06 -12.33
C VAL D 24 3.35 2.22 -11.16
N ASN D 25 2.33 1.38 -11.08
CA ASN D 25 1.55 1.31 -9.87
C ASN D 25 1.96 0.10 -9.06
N ASN D 26 1.44 0.04 -7.85
CA ASN D 26 1.50 -1.12 -6.94
C ASN D 26 1.50 -2.47 -7.65
N GLU D 27 0.59 -2.63 -8.61
CA GLU D 27 0.40 -3.91 -9.26
C GLU D 27 1.38 -4.17 -10.38
N GLY D 28 2.20 -3.16 -10.68
CA GLY D 28 3.28 -3.35 -11.63
C GLY D 28 2.99 -3.04 -13.08
N ILE D 29 2.12 -2.04 -13.29
CA ILE D 29 1.67 -1.70 -14.63
C ILE D 29 2.12 -0.28 -14.99
N PRO D 30 2.80 -0.14 -16.16
CA PRO D 30 3.48 1.09 -16.55
C PRO D 30 2.42 2.14 -16.77
N VAL D 31 2.65 3.35 -16.26
CA VAL D 31 1.71 4.44 -16.50
C VAL D 31 2.22 5.41 -17.59
N LYS D 32 3.13 6.32 -17.25
CA LYS D 32 3.86 7.11 -18.24
C LYS D 32 5.27 6.54 -18.31
N SER D 33 5.97 6.72 -19.42
CA SER D 33 7.30 6.07 -19.53
C SER D 33 8.08 6.50 -20.76
N THR D 34 9.36 6.84 -20.60
CA THR D 34 10.10 7.38 -21.73
C THR D 34 10.84 6.32 -22.56
N LEU D 35 10.39 5.07 -22.53
CA LEU D 35 11.10 4.01 -23.25
C LEU D 35 10.24 3.16 -24.16
N ASP D 36 10.86 2.53 -25.13
CA ASP D 36 10.10 1.64 -26.02
C ASP D 36 9.38 0.59 -25.18
N ASN D 37 8.12 0.35 -25.54
CA ASN D 37 7.17 -0.23 -24.61
C ASN D 37 7.53 -1.64 -24.23
N THR D 38 8.09 -2.36 -25.18
CA THR D 38 8.47 -3.76 -24.99
C THR D 38 9.56 -3.86 -23.88
N THR D 39 10.43 -2.86 -23.87
CA THR D 39 11.47 -2.70 -22.85
C THR D 39 10.85 -2.24 -21.54
N THR D 40 10.17 -1.10 -21.58
CA THR D 40 9.43 -0.57 -20.45
C THR D 40 8.68 -1.70 -19.73
N VAL D 41 8.33 -2.77 -20.43
CA VAL D 41 7.75 -3.90 -19.70
C VAL D 41 8.74 -4.57 -18.72
N GLN D 42 9.89 -5.01 -19.26
CA GLN D 42 11.02 -5.58 -18.47
C GLN D 42 11.18 -4.92 -17.13
N TYR D 43 11.53 -3.63 -17.18
CA TYR D 43 11.89 -2.92 -16.01
C TYR D 43 10.82 -2.92 -14.97
N ALA D 44 9.63 -2.48 -15.33
CA ALA D 44 8.48 -2.53 -14.44
C ALA D 44 8.34 -3.88 -13.68
N GLY D 45 8.30 -5.00 -14.42
CA GLY D 45 8.19 -6.34 -13.82
C GLY D 45 9.26 -6.58 -12.77
N LEU D 46 10.51 -6.47 -13.20
CA LEU D 46 11.62 -6.79 -12.35
C LEU D 46 11.76 -5.83 -11.18
N MET D 47 11.76 -4.54 -11.48
CA MET D 47 11.96 -3.54 -10.46
C MET D 47 10.90 -3.59 -9.40
N SER D 48 9.67 -3.83 -9.83
CA SER D 48 8.58 -3.94 -8.91
C SER D 48 8.89 -5.10 -7.96
N GLN D 49 9.30 -6.24 -8.51
CA GLN D 49 9.70 -7.38 -7.68
C GLN D 49 10.78 -6.98 -6.69
N LEU D 50 11.88 -6.45 -7.23
CA LEU D 50 12.96 -5.95 -6.41
C LEU D 50 12.51 -5.03 -5.29
N ALA D 51 11.69 -4.03 -5.62
CA ALA D 51 11.13 -3.11 -4.63
C ALA D 51 10.33 -3.83 -3.55
N ASP D 52 9.57 -4.84 -3.95
CA ASP D 52 8.82 -5.64 -2.97
C ASP D 52 9.79 -6.31 -1.99
N LYS D 53 10.65 -7.18 -2.50
CA LYS D 53 11.58 -7.92 -1.66
C LYS D 53 12.24 -6.97 -0.69
N ALA D 54 12.87 -5.92 -1.23
CA ALA D 54 13.58 -4.89 -0.46
C ALA D 54 12.72 -4.31 0.66
N ARG D 55 11.58 -3.77 0.29
CA ARG D 55 10.62 -3.23 1.21
C ARG D 55 10.24 -4.22 2.28
N SER D 56 10.27 -5.49 1.91
CA SER D 56 9.93 -6.60 2.80
C SER D 56 11.10 -6.91 3.70
N VAL D 57 12.29 -7.05 3.12
CA VAL D 57 13.49 -7.13 3.91
C VAL D 57 13.50 -6.03 4.96
N VAL D 58 13.27 -4.78 4.56
CA VAL D 58 13.34 -3.65 5.50
C VAL D 58 12.38 -3.84 6.64
N ARG D 59 11.21 -4.37 6.27
CA ARG D 59 10.11 -4.67 7.18
C ARG D 59 10.42 -5.79 8.19
N ASP D 60 11.29 -6.73 7.80
CA ASP D 60 11.59 -7.87 8.66
C ASP D 60 12.71 -7.55 9.57
N LEU D 61 13.62 -6.68 9.12
CA LEU D 61 14.66 -6.20 10.00
C LEU D 61 14.00 -5.34 11.05
N ASP D 62 12.86 -4.76 10.71
CA ASP D 62 12.13 -3.92 11.65
C ASP D 62 10.76 -3.62 11.10
N PRO D 63 9.71 -4.00 11.84
CA PRO D 63 8.34 -3.75 11.44
C PRO D 63 7.91 -2.31 11.53
N SER D 64 8.57 -1.50 12.36
CA SER D 64 8.21 -0.09 12.48
C SER D 64 8.92 0.81 11.48
N ASN D 65 9.46 0.20 10.43
CA ASN D 65 10.26 0.87 9.40
C ASN D 65 9.59 0.63 8.07
N ASP D 66 9.65 1.63 7.19
CA ASP D 66 9.16 1.49 5.83
C ASP D 66 10.26 2.04 4.92
N MET D 67 10.62 1.27 3.91
CA MET D 67 11.68 1.69 2.99
C MET D 67 11.28 2.90 2.17
N THR D 68 12.20 3.81 1.88
CA THR D 68 11.78 5.03 1.25
C THR D 68 12.33 5.13 -0.13
N PHE D 69 13.44 4.47 -0.39
CA PHE D 69 14.22 4.72 -1.63
C PHE D 69 15.22 3.58 -1.91
N LEU D 70 15.27 3.08 -3.11
CA LEU D 70 16.25 2.03 -3.34
C LEU D 70 17.12 2.30 -4.58
N ARG D 71 18.41 1.94 -4.61
CA ARG D 71 19.13 2.13 -5.89
C ARG D 71 20.23 1.16 -6.16
N VAL D 72 20.20 0.50 -7.30
CA VAL D 72 21.21 -0.50 -7.60
C VAL D 72 22.10 0.01 -8.69
N ARG D 73 23.39 -0.08 -8.44
CA ARG D 73 24.39 0.44 -9.35
C ARG D 73 25.09 -0.66 -10.09
N SER D 74 25.08 -0.58 -11.40
CA SER D 74 25.67 -1.58 -12.25
C SER D 74 27.00 -1.03 -12.69
N LYS D 75 27.72 -1.80 -13.49
CA LYS D 75 28.92 -1.32 -14.14
C LYS D 75 28.54 -0.39 -15.28
N LYS D 76 27.32 -0.55 -15.79
CA LYS D 76 26.83 0.33 -16.86
C LYS D 76 26.10 1.61 -16.44
N HIS D 77 25.44 1.57 -15.29
CA HIS D 77 24.53 2.63 -14.91
C HIS D 77 23.90 2.44 -13.52
N GLU D 78 23.07 3.35 -13.10
CA GLU D 78 22.40 3.17 -11.85
C GLU D 78 20.93 3.20 -12.09
N ILE D 79 20.22 2.29 -11.44
CA ILE D 79 18.78 2.38 -11.47
C ILE D 79 18.32 2.89 -10.09
N MET D 80 17.42 3.87 -10.05
CA MET D 80 16.74 4.11 -8.76
C MET D 80 15.30 3.95 -8.85
N VAL D 81 14.67 3.82 -7.70
CA VAL D 81 13.29 3.42 -7.58
C VAL D 81 12.78 4.04 -6.28
N ALA D 82 11.93 5.06 -6.39
CA ALA D 82 11.19 5.59 -5.22
C ALA D 82 9.75 5.05 -5.19
N PRO D 83 9.49 4.12 -4.30
CA PRO D 83 8.23 3.42 -4.27
C PRO D 83 7.40 4.04 -3.20
N ASP D 84 6.14 4.35 -3.46
CA ASP D 84 5.39 5.10 -2.49
C ASP D 84 3.94 4.74 -2.40
N LYS D 85 3.64 3.46 -2.22
CA LYS D 85 2.30 3.01 -1.89
C LYS D 85 1.54 2.35 -3.03
N ASP D 86 1.36 3.09 -4.11
CA ASP D 86 0.51 2.68 -5.20
C ASP D 86 1.20 2.93 -6.50
N PHE D 87 2.27 3.68 -6.41
CA PHE D 87 3.03 4.11 -7.59
C PHE D 87 4.49 4.01 -7.22
N ILE D 88 5.30 3.66 -8.19
CA ILE D 88 6.75 3.69 -8.04
C ILE D 88 7.43 4.25 -9.26
N LEU D 89 8.37 5.14 -9.01
CA LEU D 89 9.04 5.85 -10.04
C LEU D 89 10.37 5.20 -10.30
N ILE D 90 10.58 4.57 -11.44
CA ILE D 90 11.93 4.08 -11.79
C ILE D 90 12.71 5.13 -12.59
N VAL D 91 14.00 5.31 -12.36
CA VAL D 91 14.77 6.03 -13.36
C VAL D 91 16.19 5.49 -13.55
N ILE D 92 16.61 5.31 -14.79
CA ILE D 92 17.92 4.84 -15.02
C ILE D 92 18.71 6.07 -15.27
N GLN D 93 19.88 6.14 -14.66
CA GLN D 93 20.82 7.20 -14.90
C GLN D 93 22.19 6.67 -15.24
N ASN D 94 22.99 7.43 -15.95
CA ASN D 94 24.37 7.07 -16.23
C ASN D 94 25.36 7.80 -15.38
N PRO D 95 25.85 7.16 -14.35
CA PRO D 95 26.73 7.79 -13.40
C PRO D 95 28.00 8.42 -13.95
N THR D 96 28.81 8.93 -13.06
CA THR D 96 29.95 9.69 -13.42
C THR D 96 31.03 9.40 -12.40
N ASP D 97 30.97 8.24 -11.79
CA ASP D 97 31.94 7.86 -10.78
N LEU E 1 32.13 -20.73 8.81
CA LEU E 1 31.30 -21.30 9.89
C LEU E 1 32.17 -21.29 11.14
N SER E 2 33.11 -22.24 11.23
CA SER E 2 33.91 -22.41 12.45
C SER E 2 34.80 -21.22 12.78
N GLU E 3 35.44 -21.31 13.93
CA GLU E 3 36.17 -20.20 14.52
C GLU E 3 37.52 -19.90 13.86
N GLU E 4 38.40 -20.88 13.90
CA GLU E 4 39.77 -20.75 13.40
C GLU E 4 39.81 -20.40 11.94
N GLN E 5 38.68 -20.64 11.27
CA GLN E 5 38.58 -20.51 9.82
C GLN E 5 38.36 -19.08 9.42
N LYS E 6 37.40 -18.43 10.08
CA LYS E 6 37.18 -17.00 9.94
C LYS E 6 38.52 -16.30 9.97
N GLN E 7 39.36 -16.75 10.90
CA GLN E 7 40.70 -16.25 10.99
C GLN E 7 41.50 -16.41 9.70
N MET E 8 41.58 -17.64 9.19
CA MET E 8 42.36 -17.95 7.98
C MET E 8 42.02 -17.00 6.84
N ILE E 9 40.71 -16.77 6.67
CA ILE E 9 40.18 -15.91 5.62
C ILE E 9 40.59 -14.46 5.83
N ILE E 10 40.30 -13.95 7.03
CA ILE E 10 40.65 -12.57 7.45
C ILE E 10 42.08 -12.20 7.08
N LEU E 11 42.96 -13.21 7.14
CA LEU E 11 44.36 -13.03 6.82
C LEU E 11 44.72 -13.58 5.43
N SER E 12 43.73 -13.70 4.54
CA SER E 12 43.99 -14.07 3.12
C SER E 12 44.24 -12.84 2.23
N GLU E 13 44.46 -13.06 0.95
CA GLU E 13 44.79 -11.99 0.00
C GLU E 13 43.61 -11.80 -0.93
N ASN E 14 42.69 -12.76 -0.81
CA ASN E 14 41.36 -12.74 -1.39
C ASN E 14 40.54 -11.63 -0.72
N PHE E 15 40.54 -11.70 0.60
CA PHE E 15 39.75 -10.86 1.45
C PHE E 15 40.47 -9.55 1.68
N GLN E 16 41.76 -9.62 2.00
CA GLN E 16 42.56 -8.42 2.29
C GLN E 16 42.35 -7.41 1.17
N ARG E 17 42.21 -7.89 -0.07
CA ARG E 17 42.11 -6.99 -1.21
C ARG E 17 40.67 -6.72 -1.62
N PHE E 18 39.75 -7.53 -1.13
CA PHE E 18 38.35 -7.29 -1.40
C PHE E 18 37.85 -6.17 -0.51
N VAL E 19 38.29 -6.23 0.74
CA VAL E 19 37.90 -5.28 1.76
C VAL E 19 38.36 -3.90 1.44
N VAL E 20 39.41 -3.80 0.65
CA VAL E 20 39.96 -2.54 0.28
C VAL E 20 39.23 -2.02 -0.95
N ARG E 21 38.63 -2.93 -1.73
CA ARG E 21 37.84 -2.53 -2.92
C ARG E 21 36.53 -1.97 -2.48
N ALA E 22 35.71 -2.82 -1.88
CA ALA E 22 34.44 -2.43 -1.31
C ALA E 22 34.63 -1.15 -0.50
N GLY E 23 35.60 -1.19 0.40
CA GLY E 23 36.03 -0.02 1.16
C GLY E 23 35.97 1.28 0.39
N ARG E 24 36.73 1.36 -0.69
CA ARG E 24 36.81 2.58 -1.49
C ARG E 24 35.49 2.93 -2.17
N VAL E 25 34.76 1.89 -2.58
CA VAL E 25 33.51 2.06 -3.27
C VAL E 25 32.51 2.76 -2.32
N ILE E 26 32.24 2.09 -1.20
CA ILE E 26 31.49 2.66 -0.11
C ILE E 26 31.89 4.07 0.36
N GLU E 27 33.15 4.26 0.70
CA GLU E 27 33.57 5.47 1.37
C GLU E 27 33.11 6.72 0.66
N ARG E 28 32.70 6.60 -0.61
CA ARG E 28 32.00 7.72 -1.26
C ARG E 28 30.53 7.86 -0.81
N ALA E 29 29.77 6.78 -0.96
CA ALA E 29 28.39 6.71 -0.48
C ALA E 29 28.38 7.29 0.92
N LEU E 30 29.32 6.87 1.73
CA LEU E 30 29.21 7.18 3.15
C LEU E 30 29.18 8.68 3.38
N SER E 31 29.89 9.43 2.55
CA SER E 31 30.04 10.85 2.76
C SER E 31 29.04 11.67 1.91
N GLU E 32 28.34 11.02 0.98
CA GLU E 32 27.20 11.62 0.35
C GLU E 32 26.11 11.71 1.43
N ASN E 33 25.87 10.61 2.16
CA ASN E 33 24.78 10.56 3.13
C ASN E 33 25.00 11.44 4.35
N VAL E 34 26.04 12.24 4.36
CA VAL E 34 26.43 12.82 5.60
C VAL E 34 27.34 13.96 5.36
N ASP E 35 27.07 15.10 5.99
CA ASP E 35 27.91 16.27 5.78
C ASP E 35 29.08 16.20 6.71
N ILE E 36 30.22 15.84 6.19
CA ILE E 36 31.33 15.67 7.08
C ILE E 36 31.95 16.99 7.46
N TYR E 37 31.41 18.08 6.95
CA TYR E 37 32.06 19.36 7.12
C TYR E 37 31.40 20.27 8.15
N THR E 38 30.19 19.91 8.54
CA THR E 38 29.57 20.44 9.74
C THR E 38 30.39 20.09 10.98
N LEU F 1 -3.99 -0.31 -17.01
CA LEU F 1 -3.97 -1.23 -18.18
C LEU F 1 -4.41 -0.40 -19.38
N SER F 2 -5.71 -0.14 -19.50
CA SER F 2 -6.25 0.52 -20.69
C SER F 2 -5.76 1.94 -20.90
N GLU F 3 -6.13 2.50 -22.04
CA GLU F 3 -5.59 3.75 -22.51
C GLU F 3 -6.12 4.99 -21.78
N GLU F 4 -7.44 5.17 -21.85
CA GLU F 4 -8.13 6.35 -21.30
C GLU F 4 -7.90 6.47 -19.82
N GLN F 5 -7.51 5.35 -19.22
CA GLN F 5 -7.40 5.23 -17.78
C GLN F 5 -6.11 5.82 -17.27
N LYS F 6 -5.01 5.42 -17.91
CA LYS F 6 -3.70 6.03 -17.68
C LYS F 6 -3.88 7.53 -17.60
N GLN F 7 -4.71 8.03 -18.51
CA GLN F 7 -5.03 9.44 -18.53
C GLN F 7 -5.66 9.91 -17.22
N MET F 8 -6.73 9.25 -16.79
CA MET F 8 -7.48 9.64 -15.58
C MET F 8 -6.55 9.79 -14.38
N ILE F 9 -5.63 8.84 -14.24
CA ILE F 9 -4.66 8.80 -13.16
C ILE F 9 -3.70 9.97 -13.25
N ILE F 10 -3.07 10.11 -14.42
CA ILE F 10 -2.10 11.19 -14.71
C ILE F 10 -2.62 12.56 -14.26
N LEU F 11 -3.94 12.73 -14.36
CA LEU F 11 -4.58 13.97 -13.97
C LEU F 11 -5.30 13.84 -12.61
N SER F 12 -4.88 12.89 -11.77
CA SER F 12 -5.38 12.78 -10.38
C SER F 12 -4.55 13.62 -9.39
N GLU F 13 -4.91 13.57 -8.11
CA GLU F 13 -4.24 14.38 -7.08
C GLU F 13 -3.46 13.44 -6.20
N ASN F 14 -3.74 12.15 -6.41
CA ASN F 14 -2.99 11.01 -5.88
C ASN F 14 -1.58 11.01 -6.50
N PHE F 15 -1.59 11.07 -7.83
CA PHE F 15 -0.43 10.95 -8.64
C PHE F 15 0.26 12.30 -8.74
N GLN F 16 -0.51 13.35 -9.02
CA GLN F 16 0.04 14.70 -9.18
C GLN F 16 0.94 15.02 -7.99
N ARG F 17 0.58 14.54 -6.81
CA ARG F 17 1.34 14.86 -5.61
C ARG F 17 2.37 13.79 -5.25
N PHE F 18 2.23 12.61 -5.81
CA PHE F 18 3.22 11.56 -5.59
C PHE F 18 4.45 11.84 -6.42
N VAL F 19 4.20 12.29 -7.65
CA VAL F 19 5.25 12.56 -8.60
C VAL F 19 6.13 13.68 -8.16
N VAL F 20 5.58 14.55 -7.34
CA VAL F 20 6.29 15.69 -6.86
C VAL F 20 7.09 15.26 -5.62
N ARG F 21 6.66 14.21 -4.93
CA ARG F 21 7.39 13.69 -3.75
C ARG F 21 8.60 12.96 -4.19
N ALA F 22 8.38 11.86 -4.90
CA ALA F 22 9.43 11.05 -5.46
C ALA F 22 10.41 11.97 -6.18
N GLY F 23 9.87 12.81 -7.05
CA GLY F 23 10.63 13.89 -7.70
C GLY F 23 11.70 14.50 -6.83
N ARG F 24 11.32 15.06 -5.71
CA ARG F 24 12.25 15.76 -4.85
C ARG F 24 13.24 14.82 -4.23
N VAL F 25 12.76 13.66 -3.84
CA VAL F 25 13.58 12.65 -3.21
C VAL F 25 14.73 12.30 -4.15
N ILE F 26 14.38 11.81 -5.33
CA ILE F 26 15.31 11.55 -6.39
C ILE F 26 16.29 12.69 -6.74
N GLU F 27 15.76 13.86 -7.03
CA GLU F 27 16.55 14.93 -7.59
C GLU F 27 17.82 15.21 -6.81
N ARG F 28 17.90 14.70 -5.58
CA ARG F 28 19.19 14.70 -4.86
C ARG F 28 20.14 13.62 -5.34
N ALA F 29 19.65 12.38 -5.34
CA ALA F 29 20.40 11.23 -5.86
C ALA F 29 20.97 11.63 -7.20
N LEU F 30 20.14 12.21 -8.02
CA LEU F 30 20.51 12.43 -9.41
C LEU F 30 21.78 13.25 -9.54
N SER F 31 21.96 14.20 -8.62
CA SER F 31 23.05 15.15 -8.71
C SER F 31 24.26 14.72 -7.83
N GLU F 32 24.06 13.70 -7.01
CA GLU F 32 25.17 13.05 -6.38
C GLU F 32 25.88 12.28 -7.48
N ASN F 33 25.13 11.53 -8.30
CA ASN F 33 25.73 10.67 -9.31
C ASN F 33 26.38 11.42 -10.45
N VAL F 34 26.43 12.75 -10.41
CA VAL F 34 26.79 13.54 -11.60
C VAL F 34 27.33 14.90 -11.22
N ASP F 35 28.45 15.32 -11.75
CA ASP F 35 28.90 16.67 -11.45
C ASP F 35 28.20 17.63 -12.36
N ILE F 36 27.27 18.38 -11.81
CA ILE F 36 26.51 19.23 -12.67
C ILE F 36 27.26 20.52 -12.94
N TYR F 37 28.39 20.70 -12.31
CA TYR F 37 29.07 21.98 -12.34
C TYR F 37 30.25 21.96 -13.26
N THR F 38 30.41 20.84 -13.92
CA THR F 38 31.49 20.59 -14.85
C THR F 38 31.12 20.91 -16.29
N LEU G 1 3.82 -9.86 13.84
CA LEU G 1 3.71 -11.28 14.29
C LEU G 1 4.16 -11.28 15.73
N SER G 2 5.47 -11.20 15.97
CA SER G 2 6.02 -11.35 17.32
C SER G 2 5.58 -10.26 18.30
N GLU G 3 5.95 -10.45 19.55
CA GLU G 3 5.46 -9.66 20.65
C GLU G 3 6.06 -8.26 20.74
N GLU G 4 7.37 -8.19 20.87
CA GLU G 4 8.11 -6.95 21.08
C GLU G 4 7.92 -6.00 19.91
N GLN G 5 7.50 -6.58 18.79
CA GLN G 5 7.40 -5.86 17.53
C GLN G 5 6.14 -5.04 17.46
N LYS G 6 5.01 -5.67 17.78
CA LYS G 6 3.73 -4.99 17.96
C LYS G 6 3.97 -3.71 18.75
N GLN G 7 4.78 -3.84 19.79
CA GLN G 7 5.19 -2.71 20.57
C GLN G 7 5.85 -1.60 19.74
N MET G 8 6.90 -1.96 19.01
CA MET G 8 7.67 -0.98 18.21
C MET G 8 6.77 -0.14 17.32
N ILE G 9 5.81 -0.81 16.67
CA ILE G 9 4.85 -0.19 15.77
C ILE G 9 3.94 0.76 16.50
N ILE G 10 3.29 0.25 17.56
CA ILE G 10 2.36 1.01 18.42
C ILE G 10 2.94 2.38 18.83
N LEU G 11 4.27 2.41 18.98
CA LEU G 11 4.99 3.62 19.35
C LEU G 11 5.70 4.26 18.15
N SER G 12 5.26 3.96 16.92
CA SER G 12 5.78 4.63 15.71
C SER G 12 4.99 5.91 15.37
N GLU G 13 5.35 6.58 14.28
CA GLU G 13 4.74 7.85 13.89
C GLU G 13 3.95 7.61 12.65
N ASN G 14 4.16 6.42 12.11
CA ASN G 14 3.38 5.81 11.04
C ASN G 14 1.96 5.50 11.55
N PHE G 15 1.96 4.81 12.68
CA PHE G 15 0.78 4.29 13.30
C PHE G 15 0.13 5.37 14.15
N GLN G 16 0.94 6.05 14.96
CA GLN G 16 0.43 7.10 15.86
C GLN G 16 -0.44 8.07 15.06
N ARG G 17 -0.07 8.33 13.80
CA ARG G 17 -0.80 9.30 13.00
C ARG G 17 -1.84 8.68 12.10
N PHE G 18 -1.76 7.36 11.91
CA PHE G 18 -2.78 6.67 11.14
C PHE G 18 -4.01 6.48 12.01
N VAL G 19 -3.76 6.14 13.28
CA VAL G 19 -4.82 5.88 14.23
C VAL G 19 -5.65 7.10 14.51
N VAL G 20 -5.06 8.25 14.29
CA VAL G 20 -5.72 9.49 14.54
C VAL G 20 -6.52 9.86 13.29
N ARG G 21 -6.11 9.36 12.13
CA ARG G 21 -6.84 9.63 10.88
C ARG G 21 -8.10 8.83 10.84
N ALA G 22 -7.92 7.50 10.78
CA ALA G 22 -9.01 6.56 10.82
C ALA G 22 -9.98 6.97 11.95
N GLY G 23 -9.41 7.16 13.13
CA GLY G 23 -10.12 7.71 14.28
C GLY G 23 -11.16 8.74 13.93
N ARG G 24 -10.74 9.82 13.29
CA ARG G 24 -11.63 10.91 12.99
C ARG G 24 -12.65 10.51 11.96
N VAL G 25 -12.21 9.73 11.00
CA VAL G 25 -13.06 9.31 9.92
C VAL G 25 -14.25 8.54 10.49
N ILE G 26 -13.93 7.46 11.18
CA ILE G 26 -14.89 6.70 11.95
C ILE G 26 -15.83 7.45 12.90
N GLU G 27 -15.27 8.26 13.77
CA GLU G 27 -16.01 8.85 14.85
C GLU G 27 -17.26 9.57 14.36
N ARG G 28 -17.33 9.86 13.05
CA ARG G 28 -18.61 10.30 12.49
C ARG G 28 -19.60 9.16 12.31
N ALA G 29 -19.18 8.12 11.58
CA ALA G 29 -19.98 6.93 11.38
C ALA G 29 -20.54 6.53 12.71
N LEU G 30 -19.69 6.55 13.72
CA LEU G 30 -20.06 5.95 14.97
C LEU G 30 -21.30 6.61 15.56
N SER G 31 -21.44 7.92 15.31
CA SER G 31 -22.50 8.67 15.95
C SER G 31 -23.72 8.83 15.01
N GLU G 32 -23.55 8.47 13.74
CA GLU G 32 -24.68 8.33 12.87
C GLU G 32 -25.44 7.09 13.35
N ASN G 33 -24.73 5.98 13.60
CA ASN G 33 -25.38 4.73 13.96
C ASN G 33 -26.03 4.73 15.35
N VAL G 34 -26.01 5.85 16.03
CA VAL G 34 -26.35 5.84 17.42
C VAL G 34 -26.72 7.20 17.88
N ASP G 35 -27.79 7.33 18.64
CA ASP G 35 -28.21 8.64 19.12
C ASP G 35 -27.55 8.94 20.42
N ILE G 36 -26.58 9.80 20.39
CA ILE G 36 -25.82 10.01 21.58
C ILE G 36 -26.52 10.97 22.52
N TYR G 37 -27.63 11.52 22.09
CA TYR G 37 -28.27 12.58 22.83
C TYR G 37 -29.47 12.10 23.58
N THR G 38 -29.57 10.79 23.72
CA THR G 38 -30.74 10.15 24.27
C THR G 38 -30.47 9.42 25.59
N LEU H 1 -32.83 -10.95 -18.43
CA LEU H 1 -32.01 -10.84 -19.66
C LEU H 1 -32.87 -10.11 -20.69
N SER H 2 -33.84 -10.79 -21.27
CA SER H 2 -34.62 -10.23 -22.38
C SER H 2 -35.45 -9.01 -21.98
N GLU H 3 -36.08 -8.41 -22.98
CA GLU H 3 -36.73 -7.15 -22.84
C GLU H 3 -38.08 -7.20 -22.12
N GLU H 4 -39.00 -7.96 -22.68
CA GLU H 4 -40.37 -8.05 -22.19
C GLU H 4 -40.42 -8.58 -20.77
N GLN H 5 -39.33 -9.21 -20.37
CA GLN H 5 -39.24 -9.91 -19.10
C GLN H 5 -38.98 -8.96 -17.98
N LYS H 6 -37.97 -8.11 -18.15
CA LYS H 6 -37.69 -6.98 -17.26
C LYS H 6 -39.00 -6.33 -16.88
N GLN H 7 -39.85 -6.17 -17.89
CA GLN H 7 -41.17 -5.64 -17.68
C GLN H 7 -41.99 -6.44 -16.68
N MET H 8 -42.11 -7.74 -16.94
CA MET H 8 -42.94 -8.64 -16.10
C MET H 8 -42.58 -8.52 -14.62
N ILE H 9 -41.27 -8.49 -14.36
CA ILE H 9 -40.73 -8.36 -13.01
C ILE H 9 -41.07 -7.03 -12.38
N ILE H 10 -40.76 -5.94 -13.11
CA ILE H 10 -41.03 -4.56 -12.68
C ILE H 10 -42.45 -4.39 -12.15
N LEU H 11 -43.37 -5.15 -12.76
CA LEU H 11 -44.77 -5.11 -12.37
C LEU H 11 -45.17 -6.32 -11.52
N SER H 12 -44.19 -6.96 -10.85
CA SER H 12 -44.49 -8.06 -9.89
C SER H 12 -44.72 -7.52 -8.47
N GLU H 13 -44.97 -8.42 -7.52
CA GLU H 13 -45.27 -8.03 -6.14
C GLU H 13 -44.09 -8.43 -5.28
N ASN H 14 -43.22 -9.21 -5.91
CA ASN H 14 -41.88 -9.58 -5.43
C ASN H 14 -41.01 -8.32 -5.37
N PHE H 15 -40.99 -7.65 -6.51
CA PHE H 15 -40.14 -6.51 -6.76
C PHE H 15 -40.81 -5.27 -6.21
N GLN H 16 -42.10 -5.09 -6.51
CA GLN H 16 -42.85 -3.90 -6.07
C GLN H 16 -42.64 -3.70 -4.56
N ARG H 17 -42.53 -4.79 -3.82
CA ARG H 17 -42.39 -4.69 -2.37
C ARG H 17 -40.95 -4.76 -1.89
N PHE H 18 -40.05 -5.21 -2.75
CA PHE H 18 -38.65 -5.20 -2.41
C PHE H 18 -38.10 -3.79 -2.54
N VAL H 19 -38.53 -3.11 -3.60
CA VAL H 19 -38.06 -1.78 -3.91
C VAL H 19 -38.46 -0.79 -2.88
N VAL H 20 -39.53 -1.12 -2.15
CA VAL H 20 -40.04 -0.25 -1.15
C VAL H 20 -39.30 -0.53 0.14
N ARG H 21 -38.74 -1.74 0.28
CA ARG H 21 -37.96 -2.10 1.48
C ARG H 21 -36.63 -1.46 1.43
N ALA H 22 -35.84 -1.85 0.44
CA ALA H 22 -34.53 -1.29 0.20
C ALA H 22 -34.65 0.23 0.23
N GLY H 23 -35.61 0.74 -0.53
CA GLY H 23 -36.00 2.15 -0.51
C GLY H 23 -35.87 2.80 0.84
N ARG H 24 -36.60 2.27 1.81
CA ARG H 24 -36.65 2.88 3.12
C ARG H 24 -35.33 2.75 3.82
N VAL H 25 -34.70 1.61 3.64
CA VAL H 25 -33.46 1.31 4.30
C VAL H 25 -32.42 2.35 3.88
N ILE H 26 -32.17 2.42 2.59
CA ILE H 26 -31.37 3.47 1.99
C ILE H 26 -31.67 4.92 2.38
N GLU H 27 -32.92 5.32 2.24
CA GLU H 27 -33.28 6.72 2.34
C GLU H 27 -32.79 7.35 3.63
N ARG H 28 -32.39 6.52 4.61
CA ARG H 28 -31.68 7.07 5.77
C ARG H 28 -30.21 7.36 5.46
N ALA H 29 -29.50 6.35 4.96
CA ALA H 29 -28.12 6.49 4.52
C ALA H 29 -28.04 7.75 3.71
N LEU H 30 -28.99 7.89 2.80
CA LEU H 30 -28.84 8.92 1.79
C LEU H 30 -28.74 10.29 2.43
N SER H 31 -29.41 10.49 3.56
CA SER H 31 -29.52 11.81 4.15
C SER H 31 -28.49 11.98 5.30
N GLU H 32 -27.84 10.89 5.70
CA GLU H 32 -26.68 10.99 6.56
C GLU H 32 -25.59 11.60 5.68
N ASN H 33 -25.41 11.09 4.47
CA ASN H 33 -24.29 11.53 3.62
C ASN H 33 -24.45 12.95 3.09
N VAL H 34 -25.47 13.65 3.51
CA VAL H 34 -25.81 14.86 2.83
C VAL H 34 -26.66 15.72 3.70
N ASP H 35 -26.41 17.01 3.74
CA ASP H 35 -27.20 17.89 4.59
C ASP H 35 -28.34 18.44 3.80
N ILE H 36 -29.52 17.93 4.05
CA ILE H 36 -30.61 18.31 3.22
C ILE H 36 -31.15 19.65 3.63
N TYR H 37 -30.65 20.19 4.71
CA TYR H 37 -31.24 21.35 5.33
C TYR H 37 -30.49 22.62 5.02
N THR H 38 -29.51 22.49 4.17
CA THR H 38 -28.67 23.58 3.74
C THR H 38 -29.08 24.15 2.38
#